data_6BZY
#
_entry.id   6BZY
#
_cell.length_a   46.429
_cell.length_b   79.850
_cell.length_c   126.936
_cell.angle_alpha   90.00
_cell.angle_beta   90.00
_cell.angle_gamma   90.00
#
_symmetry.space_group_name_H-M   'P 21 21 21'
#
loop_
_entity.id
_entity.type
_entity.pdbx_description
1 polymer '22D11 Heavy Chain'
2 polymer '22D11 Light Chain'
3 polymer 'E2 AS412 peptide'
4 water water
#
loop_
_entity_poly.entity_id
_entity_poly.type
_entity_poly.pdbx_seq_one_letter_code
_entity_poly.pdbx_strand_id
1 'polypeptide(L)'
;EVQLLESGPGLVAPSQSLSITCTVSGFSLTSYGVHWVRQPPGKGLEWLGAIWSAGNTNYNSALMSRLSISRDNSKSQVFL
KMNSLQTDDTAMYYCACAPIYYDYTWFAYWGQGTLVTVSAAKTTPPSVYPLAPGSAAQTNSMVTLGCLVKGYFPEPVTVT
WNSGSLTSGVHTFPAVLQSDLYTLSSSVTVPSSTWPSETVTCNVAHPASSTKVDKKIVPR
;
H
2 'polypeptide(L)'
;EIVLTQSPASLAVSLGQRATISCRASESVDNYGISFMNWFQQKPGQPPKLLIYAASNQGSGVPARFSGSGSGTDFSLNIH
PMEEDDTAMYFCQQSKEVPYTFGGGTKLEIKRADAAPTVSIFPPSSEQLTSGGASVVCFLNNFYPKDINVKWKIDGSERQ
NGVLNSWTDQDSKDSTYSMSSTLTLTKDEYERHNSYTCEATHKTSTSPIVKSFNRNEC
;
L
3 'polypeptide(L)' RQLINTNGSWHIN B
#
# COMPACT_ATOMS: atom_id res chain seq x y z
N GLU A 1 -8.77 -24.83 0.20
CA GLU A 1 -8.19 -23.52 -0.05
C GLU A 1 -8.65 -22.50 1.00
N VAL A 2 -7.75 -22.18 1.93
CA VAL A 2 -8.05 -21.22 2.99
C VAL A 2 -8.19 -19.83 2.39
N GLN A 3 -9.33 -19.18 2.66
CA GLN A 3 -9.60 -17.84 2.15
C GLN A 3 -10.32 -17.01 3.20
N LEU A 4 -10.02 -15.71 3.23
CA LEU A 4 -10.71 -14.75 4.08
C LEU A 4 -11.02 -13.50 3.26
N LEU A 5 -12.15 -12.87 3.58
CA LEU A 5 -12.56 -11.65 2.89
C LEU A 5 -13.27 -10.70 3.84
N GLU A 6 -12.77 -9.47 3.94
CA GLU A 6 -13.39 -8.44 4.75
C GLU A 6 -14.46 -7.68 3.98
N SER A 7 -15.55 -7.35 4.67
CA SER A 7 -16.56 -6.42 4.19
C SER A 7 -16.74 -5.34 5.25
N GLY A 8 -16.49 -4.08 4.87
CA GLY A 8 -16.58 -2.98 5.79
C GLY A 8 -17.21 -1.76 5.15
N PRO A 9 -17.45 -0.72 5.94
CA PRO A 9 -18.25 0.43 5.47
C PRO A 9 -17.51 1.44 4.63
N GLY A 10 -16.19 1.35 4.53
CA GLY A 10 -15.45 2.27 3.67
C GLY A 10 -15.21 3.63 4.30
N LEU A 11 -16.30 4.31 4.67
CA LEU A 11 -16.26 5.65 5.22
C LEU A 11 -17.09 5.66 6.51
N VAL A 12 -16.52 6.19 7.58
CA VAL A 12 -17.19 6.28 8.86
C VAL A 12 -17.09 7.71 9.37
N ALA A 13 -18.24 8.29 9.76
CA ALA A 13 -18.21 9.62 10.34
C ALA A 13 -17.61 9.57 11.75
N PRO A 14 -16.89 10.60 12.16
CA PRO A 14 -16.33 10.62 13.52
C PRO A 14 -17.41 10.45 14.57
N SER A 15 -17.10 9.66 15.60
CA SER A 15 -17.92 9.27 16.73
C SER A 15 -18.90 8.16 16.36
N GLN A 16 -19.01 7.78 15.10
CA GLN A 16 -19.86 6.66 14.71
C GLN A 16 -19.12 5.35 14.88
N SER A 17 -19.86 4.24 14.80
CA SER A 17 -19.31 2.92 15.03
C SER A 17 -18.91 2.23 13.74
N LEU A 18 -18.01 1.25 13.87
CA LEU A 18 -17.48 0.48 12.75
C LEU A 18 -17.89 -0.98 12.91
N SER A 19 -18.39 -1.57 11.82
CA SER A 19 -18.68 -3.01 11.78
C SER A 19 -18.03 -3.60 10.54
N ILE A 20 -17.20 -4.63 10.73
CA ILE A 20 -16.58 -5.34 9.62
C ILE A 20 -16.87 -6.82 9.78
N THR A 21 -17.17 -7.48 8.67
CA THR A 21 -17.41 -8.92 8.64
C THR A 21 -16.28 -9.57 7.86
N CYS A 22 -15.70 -10.61 8.45
CA CYS A 22 -14.69 -11.45 7.80
C CYS A 22 -15.38 -12.76 7.47
N THR A 23 -15.57 -13.03 6.18
CA THR A 23 -16.15 -14.28 5.73
C THR A 23 -15.02 -15.22 5.30
N VAL A 24 -15.06 -16.46 5.78
CA VAL A 24 -13.97 -17.38 5.54
C VAL A 24 -14.49 -18.61 4.82
N SER A 25 -13.58 -19.28 4.11
CA SER A 25 -13.86 -20.59 3.53
C SER A 25 -12.58 -21.42 3.55
N GLY A 26 -12.75 -22.73 3.39
CA GLY A 26 -11.63 -23.64 3.42
C GLY A 26 -11.18 -24.09 4.79
N PHE A 27 -11.84 -23.62 5.85
CA PHE A 27 -11.57 -24.09 7.21
C PHE A 27 -12.78 -23.79 8.08
N SER A 28 -12.85 -24.47 9.21
CA SER A 28 -13.92 -24.29 10.18
C SER A 28 -13.45 -23.37 11.31
N LEU A 29 -14.34 -22.46 11.73
CA LEU A 29 -13.98 -21.53 12.80
C LEU A 29 -13.74 -22.24 14.12
N THR A 30 -14.36 -23.40 14.33
CA THR A 30 -14.12 -24.12 15.57
C THR A 30 -12.73 -24.78 15.60
N SER A 31 -11.96 -24.69 14.53
CA SER A 31 -10.60 -25.22 14.52
C SER A 31 -9.53 -24.14 14.37
N TYR A 32 -9.92 -22.88 14.27
CA TYR A 32 -8.97 -21.81 14.01
C TYR A 32 -9.26 -20.63 14.91
N GLY A 33 -8.21 -19.87 15.22
CA GLY A 33 -8.38 -18.51 15.69
C GLY A 33 -8.40 -17.57 14.50
N VAL A 34 -9.29 -16.58 14.55
CA VAL A 34 -9.32 -15.52 13.55
C VAL A 34 -8.98 -14.21 14.23
N HIS A 35 -7.98 -13.53 13.69
CA HIS A 35 -7.37 -12.34 14.27
C HIS A 35 -7.68 -11.12 13.43
N TRP A 36 -7.81 -9.98 14.10
CA TRP A 36 -7.99 -8.70 13.43
C TRP A 36 -6.75 -7.85 13.61
N VAL A 37 -6.27 -7.25 12.51
CA VAL A 37 -5.06 -6.44 12.48
C VAL A 37 -5.38 -5.19 11.70
N ARG A 38 -4.92 -4.03 12.17
CA ARG A 38 -5.11 -2.82 11.37
C ARG A 38 -3.78 -2.12 11.13
N GLN A 39 -3.80 -1.23 10.15
CA GLN A 39 -2.58 -0.54 9.70
C GLN A 39 -2.98 0.87 9.25
N PRO A 40 -2.68 1.89 10.05
CA PRO A 40 -2.88 3.25 9.58
C PRO A 40 -2.04 3.51 8.34
N PRO A 41 -2.47 4.40 7.46
CA PRO A 41 -1.75 4.61 6.19
C PRO A 41 -0.29 4.97 6.44
N GLY A 42 0.60 4.23 5.78
CA GLY A 42 2.03 4.40 5.90
C GLY A 42 2.63 4.02 7.24
N LYS A 43 1.85 3.44 8.16
CA LYS A 43 2.34 3.11 9.48
C LYS A 43 2.38 1.59 9.68
N GLY A 44 2.51 1.16 10.93
CA GLY A 44 2.75 -0.24 11.23
C GLY A 44 1.49 -1.05 11.52
N LEU A 45 1.70 -2.35 11.65
CA LEU A 45 0.63 -3.28 12.00
C LEU A 45 0.32 -3.20 13.49
N GLU A 46 -0.98 -3.31 13.80
CA GLU A 46 -1.47 -3.31 15.17
C GLU A 46 -2.41 -4.49 15.34
N TRP A 47 -2.12 -5.36 16.31
CA TRP A 47 -3.02 -6.47 16.62
C TRP A 47 -4.20 -5.92 17.41
N LEU A 48 -5.41 -6.14 16.90
CA LEU A 48 -6.61 -5.67 17.58
C LEU A 48 -7.19 -6.72 18.51
N GLY A 49 -7.08 -8.00 18.14
CA GLY A 49 -7.62 -9.05 18.98
C GLY A 49 -7.90 -10.29 18.14
N ALA A 50 -8.51 -11.28 18.80
CA ALA A 50 -8.80 -12.54 18.13
C ALA A 50 -9.99 -13.21 18.79
N ILE A 51 -10.66 -14.06 18.02
CA ILE A 51 -11.60 -15.04 18.58
C ILE A 51 -10.98 -16.41 18.32
N TRP A 52 -10.65 -17.10 19.41
CA TRP A 52 -9.88 -18.34 19.34
C TRP A 52 -10.80 -19.49 18.90
N SER A 53 -10.20 -20.66 18.63
CA SER A 53 -11.03 -21.77 18.18
C SER A 53 -12.12 -22.11 19.18
N ALA A 54 -11.86 -21.94 20.47
CA ALA A 54 -12.84 -22.23 21.52
C ALA A 54 -13.97 -21.20 21.56
N GLY A 55 -13.81 -20.04 20.93
CA GLY A 55 -14.87 -19.07 20.90
C GLY A 55 -14.76 -17.94 21.90
N ASN A 56 -13.77 -17.97 22.79
CA ASN A 56 -13.45 -16.84 23.65
C ASN A 56 -12.64 -15.80 22.87
N THR A 57 -12.47 -14.61 23.47
CA THR A 57 -11.85 -13.49 22.78
C THR A 57 -10.78 -12.84 23.65
N ASN A 58 -9.86 -12.15 22.98
CA ASN A 58 -8.88 -11.29 23.64
C ASN A 58 -8.66 -10.07 22.76
N TYR A 59 -8.12 -9.01 23.36
CA TYR A 59 -8.08 -7.71 22.70
C TYR A 59 -6.77 -7.00 22.98
N ASN A 60 -6.46 -6.07 22.08
CA ASN A 60 -5.41 -5.09 22.27
C ASN A 60 -5.61 -4.38 23.60
N SER A 61 -4.51 -4.17 24.33
CA SER A 61 -4.60 -3.63 25.68
C SER A 61 -5.21 -2.23 25.68
N ALA A 62 -4.75 -1.36 24.79
CA ALA A 62 -5.14 0.04 24.84
C ALA A 62 -6.52 0.27 24.24
N LEU A 63 -6.95 -0.60 23.32
CA LEU A 63 -8.21 -0.41 22.62
C LEU A 63 -9.33 -1.31 23.14
N MET A 64 -9.07 -2.12 24.18
CA MET A 64 -10.01 -3.18 24.56
C MET A 64 -11.39 -2.64 24.85
N SER A 65 -11.49 -1.48 25.50
CA SER A 65 -12.80 -0.98 25.89
C SER A 65 -13.65 -0.53 24.70
N ARG A 66 -13.07 -0.37 23.51
CA ARG A 66 -13.84 0.04 22.35
C ARG A 66 -14.10 -1.09 21.37
N LEU A 67 -13.58 -2.29 21.63
CA LEU A 67 -13.55 -3.38 20.66
C LEU A 67 -14.44 -4.53 21.10
N SER A 68 -15.08 -5.17 20.12
CA SER A 68 -15.83 -6.38 20.36
C SER A 68 -15.65 -7.30 19.16
N ILE A 69 -15.32 -8.56 19.42
CA ILE A 69 -15.17 -9.57 18.37
C ILE A 69 -16.12 -10.71 18.66
N SER A 70 -16.78 -11.23 17.63
CA SER A 70 -17.69 -12.35 17.77
C SER A 70 -17.66 -13.15 16.47
N ARG A 71 -18.39 -14.27 16.45
CA ARG A 71 -18.42 -15.12 15.28
C ARG A 71 -19.77 -15.80 15.15
N ASP A 72 -20.02 -16.29 13.94
CA ASP A 72 -21.19 -17.11 13.63
C ASP A 72 -20.65 -18.31 12.86
N ASN A 73 -20.46 -19.42 13.56
CA ASN A 73 -19.83 -20.59 12.96
C ASN A 73 -20.66 -21.13 11.80
N SER A 74 -21.99 -21.12 11.93
CA SER A 74 -22.85 -21.65 10.87
C SER A 74 -22.65 -20.90 9.57
N LYS A 75 -22.34 -19.61 9.65
CA LYS A 75 -22.16 -18.76 8.47
C LYS A 75 -20.70 -18.53 8.12
N SER A 76 -19.77 -19.10 8.89
CA SER A 76 -18.33 -18.93 8.64
C SER A 76 -17.96 -17.45 8.59
N GLN A 77 -18.47 -16.70 9.56
CA GLN A 77 -18.28 -15.26 9.62
C GLN A 77 -17.73 -14.88 10.98
N VAL A 78 -16.77 -13.97 10.97
CA VAL A 78 -16.21 -13.37 12.18
C VAL A 78 -16.46 -11.88 12.10
N PHE A 79 -16.81 -11.28 13.23
CA PHE A 79 -17.21 -9.89 13.25
C PHE A 79 -16.29 -9.05 14.12
N LEU A 80 -15.98 -7.84 13.65
CA LEU A 80 -15.32 -6.81 14.43
C LEU A 80 -16.27 -5.63 14.60
N LYS A 81 -16.41 -5.16 15.83
CA LYS A 81 -17.14 -3.91 16.08
C LYS A 81 -16.27 -3.00 16.92
N MET A 82 -16.21 -1.72 16.54
CA MET A 82 -15.40 -0.74 17.24
C MET A 82 -16.21 0.52 17.45
N ASN A 83 -16.11 1.10 18.64
CA ASN A 83 -16.95 2.23 19.03
C ASN A 83 -16.29 3.56 18.74
N SER A 84 -17.14 4.56 18.47
CA SER A 84 -16.77 5.96 18.35
C SER A 84 -15.44 6.16 17.64
N LEU A 85 -15.42 5.93 16.34
CA LEU A 85 -14.18 6.09 15.59
C LEU A 85 -13.78 7.54 15.52
N GLN A 86 -12.48 7.79 15.61
CA GLN A 86 -11.90 9.11 15.41
C GLN A 86 -10.88 9.02 14.28
N THR A 87 -10.25 10.15 13.96
CA THR A 87 -9.34 10.18 12.81
C THR A 87 -8.19 9.18 12.98
N ASP A 88 -7.77 8.94 14.22
CA ASP A 88 -6.72 7.98 14.51
C ASP A 88 -7.08 6.56 14.14
N ASP A 89 -8.36 6.28 13.92
CA ASP A 89 -8.82 4.95 13.57
C ASP A 89 -8.85 4.70 12.06
N THR A 90 -8.53 5.72 11.27
CA THR A 90 -8.41 5.52 9.83
C THR A 90 -7.29 4.52 9.57
N ALA A 91 -7.60 3.44 8.86
CA ALA A 91 -6.62 2.37 8.73
C ALA A 91 -7.14 1.31 7.76
N MET A 92 -6.22 0.49 7.26
CA MET A 92 -6.62 -0.75 6.61
C MET A 92 -6.87 -1.80 7.68
N TYR A 93 -8.01 -2.49 7.60
CA TYR A 93 -8.41 -3.50 8.58
C TYR A 93 -8.38 -4.88 7.92
N TYR A 94 -7.61 -5.79 8.51
CA TYR A 94 -7.42 -7.14 8.00
C TYR A 94 -7.97 -8.17 8.98
N CYS A 95 -8.48 -9.27 8.46
CA CYS A 95 -8.57 -10.49 9.24
C CYS A 95 -7.53 -11.49 8.75
N ALA A 96 -7.08 -12.33 9.66
CA ALA A 96 -6.07 -13.35 9.36
C ALA A 96 -6.38 -14.55 10.25
N CYS A 97 -5.87 -15.71 9.89
CA CYS A 97 -6.16 -16.88 10.70
C CYS A 97 -4.90 -17.68 11.03
N ALA A 98 -5.04 -18.49 12.09
CA ALA A 98 -4.00 -19.39 12.51
C ALA A 98 -4.69 -20.59 13.15
N PRO A 99 -4.20 -21.79 12.90
CA PRO A 99 -4.81 -22.98 13.51
C PRO A 99 -4.48 -23.09 14.99
N ILE A 100 -4.92 -24.17 15.63
CA ILE A 100 -4.54 -24.39 17.02
C ILE A 100 -3.09 -24.80 17.18
N TYR A 101 -2.41 -25.17 16.10
CA TYR A 101 -1.00 -25.54 16.15
C TYR A 101 -0.13 -24.34 15.83
N TYR A 102 1.14 -24.42 16.24
CA TYR A 102 2.14 -23.43 15.86
C TYR A 102 2.96 -24.07 14.74
N ASP A 103 2.72 -23.61 13.52
CA ASP A 103 3.34 -24.22 12.35
C ASP A 103 3.41 -23.18 11.23
N TYR A 104 3.77 -23.63 10.03
CA TYR A 104 3.99 -22.72 8.91
C TYR A 104 2.72 -22.04 8.41
N THR A 105 1.54 -22.41 8.91
CA THR A 105 0.35 -21.66 8.53
C THR A 105 0.02 -20.57 9.53
N TRP A 106 0.92 -20.28 10.49
CA TRP A 106 0.71 -19.22 11.49
C TRP A 106 0.56 -17.85 10.84
N PHE A 107 -0.65 -17.26 10.87
CA PHE A 107 -0.87 -15.98 10.19
C PHE A 107 -0.43 -16.03 8.73
N ALA A 108 -0.60 -17.20 8.11
CA ALA A 108 -0.17 -17.33 6.72
C ALA A 108 -1.25 -16.92 5.74
N TYR A 109 -2.50 -16.83 6.17
CA TYR A 109 -3.61 -16.50 5.30
C TYR A 109 -4.29 -15.25 5.85
N TRP A 110 -4.37 -14.23 5.00
CA TRP A 110 -4.97 -12.94 5.32
C TRP A 110 -6.03 -12.61 4.28
N GLY A 111 -7.00 -11.79 4.68
CA GLY A 111 -7.85 -11.13 3.71
C GLY A 111 -7.06 -10.06 2.98
N GLN A 112 -7.66 -9.52 1.91
CA GLN A 112 -7.01 -8.42 1.20
C GLN A 112 -7.05 -7.12 1.99
N GLY A 113 -7.92 -7.03 2.99
CA GLY A 113 -8.05 -5.84 3.82
C GLY A 113 -9.11 -4.89 3.29
N THR A 114 -9.73 -4.16 4.21
CA THR A 114 -10.69 -3.13 3.84
C THR A 114 -10.24 -1.81 4.45
N LEU A 115 -10.21 -0.77 3.62
CA LEU A 115 -9.76 0.53 4.07
C LEU A 115 -10.93 1.25 4.72
N VAL A 116 -10.71 1.76 5.93
CA VAL A 116 -11.71 2.52 6.65
C VAL A 116 -11.18 3.94 6.81
N THR A 117 -11.89 4.92 6.26
CA THR A 117 -11.53 6.32 6.42
C THR A 117 -12.53 6.96 7.37
N VAL A 118 -12.03 7.63 8.40
CA VAL A 118 -12.89 8.29 9.38
C VAL A 118 -12.97 9.77 9.00
N SER A 119 -14.12 10.19 8.50
CA SER A 119 -14.30 11.55 8.00
C SER A 119 -15.77 11.83 7.84
N ALA A 120 -16.14 13.10 8.01
CA ALA A 120 -17.50 13.54 7.71
C ALA A 120 -17.61 14.11 6.29
N ALA A 121 -16.54 14.06 5.51
CA ALA A 121 -16.59 14.55 4.14
C ALA A 121 -17.46 13.64 3.27
N LYS A 122 -17.89 14.18 2.13
CA LYS A 122 -18.91 13.55 1.31
C LYS A 122 -18.29 12.60 0.30
N THR A 123 -18.91 11.42 0.13
CA THR A 123 -18.51 10.52 -0.93
C THR A 123 -18.72 11.18 -2.29
N THR A 124 -17.65 11.22 -3.10
CA THR A 124 -17.63 11.91 -4.38
C THR A 124 -17.01 11.02 -5.44
N PRO A 125 -17.65 10.84 -6.59
CA PRO A 125 -17.08 10.02 -7.65
C PRO A 125 -15.92 10.73 -8.33
N PRO A 126 -15.01 9.98 -8.94
CA PRO A 126 -13.91 10.59 -9.66
C PRO A 126 -14.35 11.07 -11.04
N SER A 127 -13.64 12.08 -11.54
CA SER A 127 -13.63 12.39 -12.95
C SER A 127 -12.38 11.76 -13.55
N VAL A 128 -12.53 11.06 -14.66
CA VAL A 128 -11.43 10.33 -15.27
C VAL A 128 -11.11 10.97 -16.62
N TYR A 129 -9.87 11.43 -16.77
CA TYR A 129 -9.47 12.12 -17.98
C TYR A 129 -8.33 11.38 -18.68
N PRO A 130 -8.36 11.25 -20.00
CA PRO A 130 -7.26 10.60 -20.71
C PRO A 130 -6.10 11.58 -20.89
N LEU A 131 -4.89 11.05 -20.77
CA LEU A 131 -3.69 11.85 -20.96
C LEU A 131 -3.01 11.36 -22.24
N ALA A 132 -3.19 12.10 -23.32
CA ALA A 132 -2.53 11.79 -24.57
C ALA A 132 -1.45 12.83 -24.83
N PRO A 133 -0.42 12.49 -25.61
CA PRO A 133 0.64 13.47 -25.89
C PRO A 133 0.10 14.70 -26.60
N GLY A 134 0.83 15.81 -26.44
CA GLY A 134 0.50 17.03 -27.14
C GLY A 134 0.81 16.96 -28.62
N SER A 141 10.07 5.61 -30.46
CA SER A 141 10.21 4.19 -30.10
C SER A 141 9.14 3.76 -29.12
N MET A 142 9.22 4.28 -27.89
CA MET A 142 8.19 4.09 -26.89
C MET A 142 7.38 5.36 -26.75
N VAL A 143 6.10 5.21 -26.39
CA VAL A 143 5.22 6.35 -26.14
C VAL A 143 4.57 6.17 -24.78
N THR A 144 4.48 7.24 -24.01
CA THR A 144 3.88 7.20 -22.69
C THR A 144 2.51 7.88 -22.72
N LEU A 145 1.51 7.19 -22.19
CA LEU A 145 0.14 7.67 -22.08
C LEU A 145 -0.24 7.68 -20.61
N GLY A 146 -1.36 8.33 -20.30
CA GLY A 146 -1.76 8.41 -18.92
C GLY A 146 -3.26 8.48 -18.72
N CYS A 147 -3.65 8.41 -17.46
CA CYS A 147 -5.05 8.49 -17.05
C CYS A 147 -5.06 9.33 -15.78
N LEU A 148 -5.84 10.40 -15.77
CA LEU A 148 -5.93 11.29 -14.61
C LEU A 148 -7.25 11.03 -13.90
N VAL A 149 -7.20 10.71 -12.62
CA VAL A 149 -8.37 10.30 -11.83
C VAL A 149 -8.53 11.33 -10.74
N LYS A 150 -9.46 12.30 -10.93
CA LYS A 150 -9.46 13.53 -10.15
C LYS A 150 -10.73 13.72 -9.35
N GLY A 151 -10.58 14.18 -8.12
CA GLY A 151 -11.67 14.72 -7.32
C GLY A 151 -12.61 13.71 -6.69
N TYR A 152 -12.09 12.59 -6.19
CA TYR A 152 -12.93 11.57 -5.57
C TYR A 152 -12.67 11.48 -4.08
N PHE A 153 -13.61 10.84 -3.37
CA PHE A 153 -13.47 10.62 -1.94
C PHE A 153 -14.44 9.51 -1.56
N PRO A 154 -14.05 8.58 -0.67
CA PRO A 154 -12.73 8.39 -0.09
C PRO A 154 -11.90 7.46 -0.97
N GLU A 155 -10.70 7.14 -0.50
CA GLU A 155 -9.95 6.04 -1.09
C GLU A 155 -10.70 4.73 -0.86
N PRO A 156 -10.45 3.68 -1.68
CA PRO A 156 -9.49 3.63 -2.78
C PRO A 156 -10.15 3.70 -4.16
N VAL A 157 -9.30 3.82 -5.18
CA VAL A 157 -9.69 3.52 -6.55
C VAL A 157 -8.79 2.41 -7.07
N THR A 158 -9.25 1.74 -8.11
CA THR A 158 -8.43 0.78 -8.84
C THR A 158 -8.28 1.25 -10.28
N VAL A 159 -7.06 1.16 -10.80
CA VAL A 159 -6.76 1.48 -12.19
C VAL A 159 -6.12 0.26 -12.84
N THR A 160 -6.67 -0.15 -13.98
CA THR A 160 -6.02 -1.11 -14.86
C THR A 160 -5.95 -0.53 -16.26
N TRP A 161 -5.18 -1.18 -17.11
CA TRP A 161 -5.03 -0.80 -18.50
C TRP A 161 -5.40 -1.99 -19.38
N ASN A 162 -6.28 -1.75 -20.36
CA ASN A 162 -6.80 -2.81 -21.23
C ASN A 162 -7.27 -4.01 -20.41
N SER A 163 -8.03 -3.72 -19.37
CA SER A 163 -8.70 -4.72 -18.54
C SER A 163 -7.70 -5.64 -17.85
N GLY A 164 -6.47 -5.17 -17.68
CA GLY A 164 -5.42 -5.92 -17.04
C GLY A 164 -4.46 -6.58 -18.00
N SER A 165 -4.81 -6.66 -19.29
CA SER A 165 -3.90 -7.23 -20.28
C SER A 165 -2.62 -6.41 -20.42
N LEU A 166 -2.65 -5.14 -20.06
CA LEU A 166 -1.51 -4.25 -20.18
C LEU A 166 -1.00 -4.00 -18.76
N THR A 167 0.07 -4.68 -18.38
CA THR A 167 0.60 -4.61 -17.02
C THR A 167 2.03 -4.10 -16.96
N SER A 168 2.87 -4.50 -17.91
CA SER A 168 4.24 -4.00 -17.95
C SER A 168 4.26 -2.53 -18.34
N GLY A 169 5.21 -1.79 -17.77
CA GLY A 169 5.35 -0.40 -18.10
C GLY A 169 4.31 0.50 -17.49
N VAL A 170 3.61 0.04 -16.45
CA VAL A 170 2.55 0.79 -15.79
C VAL A 170 3.04 1.29 -14.45
N HIS A 171 2.81 2.56 -14.16
CA HIS A 171 3.02 3.14 -12.83
C HIS A 171 1.73 3.82 -12.41
N THR A 172 1.18 3.42 -11.28
CA THR A 172 0.03 4.13 -10.73
C THR A 172 0.46 4.81 -9.44
N PHE A 173 0.37 6.14 -9.42
CA PHE A 173 0.91 6.99 -8.38
C PHE A 173 -0.06 7.10 -7.21
N PRO A 174 0.45 7.07 -5.99
CA PRO A 174 -0.42 7.22 -4.82
C PRO A 174 -1.26 8.47 -4.91
N ALA A 175 -2.50 8.36 -4.45
CA ALA A 175 -3.40 9.51 -4.47
C ALA A 175 -2.96 10.55 -3.44
N VAL A 176 -3.20 11.81 -3.77
CA VAL A 176 -2.88 12.92 -2.87
C VAL A 176 -4.17 13.67 -2.58
N LEU A 177 -4.36 14.05 -1.32
CA LEU A 177 -5.58 14.69 -0.84
C LEU A 177 -5.41 16.21 -0.90
N GLN A 178 -6.41 16.89 -1.46
CA GLN A 178 -6.44 18.33 -1.46
C GLN A 178 -7.89 18.78 -1.40
N SER A 179 -8.21 19.63 -0.42
CA SER A 179 -9.58 20.13 -0.25
C SER A 179 -10.57 18.98 -0.12
N ASP A 180 -10.15 17.93 0.62
CA ASP A 180 -10.97 16.76 0.91
C ASP A 180 -11.33 15.94 -0.33
N LEU A 181 -10.55 16.06 -1.40
CA LEU A 181 -10.73 15.24 -2.59
C LEU A 181 -9.38 14.68 -3.00
N TYR A 182 -9.38 13.44 -3.47
CA TYR A 182 -8.15 12.79 -3.89
C TYR A 182 -7.97 12.93 -5.39
N THR A 183 -6.69 13.01 -5.80
CA THR A 183 -6.33 12.96 -7.22
C THR A 183 -5.20 11.96 -7.36
N LEU A 184 -5.28 11.11 -8.37
CA LEU A 184 -4.14 10.28 -8.72
C LEU A 184 -4.05 10.15 -10.23
N SER A 185 -2.91 9.68 -10.70
CA SER A 185 -2.72 9.45 -12.12
C SER A 185 -2.08 8.08 -12.29
N SER A 186 -2.19 7.55 -13.50
CA SER A 186 -1.51 6.33 -13.86
C SER A 186 -0.84 6.53 -15.21
N SER A 187 0.39 6.04 -15.35
CA SER A 187 1.08 6.13 -16.63
C SER A 187 1.34 4.73 -17.15
N VAL A 188 1.36 4.61 -18.47
CA VAL A 188 1.68 3.36 -19.13
C VAL A 188 2.53 3.68 -20.35
N THR A 189 3.59 2.91 -20.55
CA THR A 189 4.50 3.12 -21.66
C THR A 189 4.44 1.89 -22.57
N VAL A 190 4.18 2.12 -23.85
CA VAL A 190 4.06 1.03 -24.82
C VAL A 190 4.90 1.37 -26.03
N PRO A 191 5.22 0.37 -26.86
CA PRO A 191 5.90 0.67 -28.13
C PRO A 191 5.02 1.54 -29.02
N SER A 192 5.65 2.54 -29.64
CA SER A 192 4.91 3.45 -30.52
C SER A 192 4.30 2.72 -31.71
N SER A 193 4.80 1.53 -32.05
CA SER A 193 4.20 0.75 -33.12
C SER A 193 2.82 0.22 -32.74
N THR A 194 2.49 0.21 -31.44
CA THR A 194 1.22 -0.34 -30.98
C THR A 194 0.18 0.71 -30.64
N TRP A 195 0.56 1.99 -30.58
CA TRP A 195 -0.38 3.06 -30.30
C TRP A 195 -0.05 4.21 -31.23
N PRO A 196 -1.06 4.81 -31.90
CA PRO A 196 -2.48 4.49 -31.71
C PRO A 196 -3.02 3.36 -32.59
N SER A 197 -2.14 2.58 -33.22
CA SER A 197 -2.60 1.50 -34.08
C SER A 197 -3.45 0.49 -33.34
N GLU A 198 -3.16 0.26 -32.06
CA GLU A 198 -3.98 -0.58 -31.19
C GLU A 198 -4.55 0.27 -30.07
N THR A 199 -5.67 -0.18 -29.52
CA THR A 199 -6.39 0.61 -28.52
C THR A 199 -5.73 0.49 -27.16
N VAL A 200 -5.61 1.63 -26.47
CA VAL A 200 -5.18 1.67 -25.07
C VAL A 200 -6.27 2.38 -24.27
N THR A 201 -6.74 1.71 -23.21
CA THR A 201 -7.86 2.19 -22.41
C THR A 201 -7.56 2.00 -20.93
N CYS A 202 -7.72 3.04 -20.12
CA CYS A 202 -7.66 2.85 -18.68
C CYS A 202 -9.05 2.51 -18.14
N ASN A 203 -9.08 1.62 -17.16
CA ASN A 203 -10.29 1.16 -16.52
C ASN A 203 -10.22 1.57 -15.07
N VAL A 204 -11.15 2.41 -14.62
CA VAL A 204 -11.11 2.97 -13.28
C VAL A 204 -12.36 2.54 -12.53
N ALA A 205 -12.17 2.12 -11.28
CA ALA A 205 -13.29 1.77 -10.41
C ALA A 205 -13.15 2.53 -9.11
N HIS A 206 -14.26 3.10 -8.64
CA HIS A 206 -14.34 3.73 -7.32
C HIS A 206 -15.52 3.07 -6.62
N PRO A 207 -15.29 1.98 -5.90
CA PRO A 207 -16.41 1.26 -5.28
C PRO A 207 -17.28 2.10 -4.37
N ALA A 208 -16.70 3.06 -3.63
CA ALA A 208 -17.48 3.84 -2.68
C ALA A 208 -18.64 4.57 -3.34
N SER A 209 -18.44 5.05 -4.56
CA SER A 209 -19.48 5.70 -5.34
C SER A 209 -20.02 4.78 -6.43
N SER A 210 -19.61 3.51 -6.41
CA SER A 210 -20.01 2.51 -7.42
C SER A 210 -19.77 3.02 -8.83
N THR A 211 -18.65 3.71 -9.00
CA THR A 211 -18.24 4.23 -10.30
C THR A 211 -17.38 3.19 -11.01
N LYS A 212 -17.67 2.97 -12.29
CA LYS A 212 -16.82 2.19 -13.16
C LYS A 212 -16.83 2.88 -14.51
N VAL A 213 -15.64 3.19 -15.04
CA VAL A 213 -15.56 3.96 -16.27
C VAL A 213 -14.29 3.56 -17.01
N ASP A 214 -14.41 3.43 -18.33
CA ASP A 214 -13.29 3.25 -19.23
C ASP A 214 -13.03 4.55 -19.98
N LYS A 215 -11.76 4.86 -20.20
CA LYS A 215 -11.39 6.01 -21.02
C LYS A 215 -10.36 5.55 -22.04
N LYS A 216 -10.76 5.50 -23.30
CA LYS A 216 -9.82 5.23 -24.37
C LYS A 216 -8.90 6.44 -24.55
N ILE A 217 -7.61 6.18 -24.74
CA ILE A 217 -6.65 7.25 -25.03
C ILE A 217 -6.62 7.44 -26.54
N VAL A 218 -7.12 8.59 -27.00
CA VAL A 218 -7.14 8.86 -28.44
C VAL A 218 -6.15 9.99 -28.74
N PRO A 219 -5.47 9.96 -29.88
CA PRO A 219 -4.56 11.06 -30.23
C PRO A 219 -5.31 12.38 -30.33
N ARG A 220 -4.62 13.45 -29.96
CA ARG A 220 -5.23 14.79 -30.01
C ARG A 220 -5.34 15.31 -31.44
N GLU B 1 2.45 -5.35 28.52
CA GLU B 1 2.64 -6.50 27.63
C GLU B 1 4.01 -6.51 27.00
N ILE B 2 4.24 -7.43 26.06
CA ILE B 2 5.56 -7.65 25.50
C ILE B 2 5.76 -6.66 24.36
N VAL B 3 6.60 -5.66 24.58
CA VAL B 3 6.83 -4.60 23.60
C VAL B 3 8.00 -5.02 22.73
N LEU B 4 7.82 -4.93 21.42
CA LEU B 4 8.86 -5.29 20.47
C LEU B 4 9.45 -4.02 19.88
N THR B 5 10.77 -3.89 19.96
CA THR B 5 11.48 -2.74 19.42
C THR B 5 12.27 -3.22 18.20
N GLN B 6 11.89 -2.72 17.03
CA GLN B 6 12.46 -3.17 15.78
C GLN B 6 13.42 -2.12 15.27
N SER B 7 14.58 -2.56 14.78
CA SER B 7 15.63 -1.67 14.28
C SER B 7 16.23 -2.28 13.02
N PRO B 8 16.59 -1.47 12.01
CA PRO B 8 16.43 -0.02 11.86
C PRO B 8 15.04 0.37 11.40
N ALA B 9 14.75 1.66 11.44
CA ALA B 9 13.48 2.15 10.89
C ALA B 9 13.46 1.99 9.38
N SER B 10 14.59 2.23 8.73
CA SER B 10 14.70 2.07 7.30
C SER B 10 16.18 1.98 6.93
N LEU B 11 16.42 1.34 5.79
CA LEU B 11 17.77 1.17 5.27
C LEU B 11 17.65 0.71 3.82
N ALA B 12 18.70 0.94 3.07
CA ALA B 12 18.79 0.47 1.70
C ALA B 12 20.04 -0.38 1.56
N VAL B 13 19.91 -1.51 0.87
CA VAL B 13 21.00 -2.48 0.71
C VAL B 13 21.17 -2.77 -0.78
N SER B 14 22.43 -2.85 -1.23
CA SER B 14 22.66 -3.09 -2.64
C SER B 14 22.51 -4.57 -2.98
N LEU B 15 22.28 -4.86 -4.26
CA LEU B 15 22.10 -6.23 -4.70
C LEU B 15 23.27 -7.10 -4.28
N GLY B 16 22.94 -8.29 -3.77
CA GLY B 16 23.95 -9.25 -3.35
C GLY B 16 24.49 -9.06 -1.97
N GLN B 17 24.19 -7.94 -1.31
CA GLN B 17 24.69 -7.68 0.04
C GLN B 17 23.69 -8.20 1.07
N ARG B 18 23.98 -7.96 2.35
CA ARG B 18 23.19 -8.51 3.45
C ARG B 18 22.37 -7.41 4.12
N ALA B 19 21.09 -7.69 4.32
CA ALA B 19 20.22 -6.83 5.11
C ALA B 19 19.98 -7.51 6.45
N THR B 20 20.20 -6.77 7.54
CA THR B 20 20.02 -7.30 8.88
C THR B 20 19.03 -6.43 9.63
N ILE B 21 17.94 -7.05 10.08
CA ILE B 21 16.86 -6.38 10.82
C ILE B 21 16.77 -7.05 12.18
N SER B 22 16.63 -6.25 13.23
CA SER B 22 16.62 -6.80 14.58
C SER B 22 15.31 -6.48 15.28
N CYS B 23 14.96 -7.34 16.22
CA CYS B 23 13.74 -7.22 17.00
C CYS B 23 14.10 -7.61 18.42
N ARG B 24 13.96 -6.68 19.35
CA ARG B 24 14.27 -6.91 20.75
C ARG B 24 12.97 -6.81 21.56
N ALA B 25 12.71 -7.80 22.40
CA ALA B 25 11.49 -7.87 23.17
C ALA B 25 11.74 -7.39 24.60
N SER B 26 10.71 -6.76 25.19
CA SER B 26 10.83 -6.21 26.55
C SER B 26 10.93 -7.32 27.60
N GLU B 27 10.50 -8.54 27.26
CA GLU B 27 10.70 -9.71 28.09
C GLU B 27 10.76 -10.91 27.17
N SER B 28 11.17 -12.05 27.72
CA SER B 28 11.37 -13.25 26.93
C SER B 28 10.09 -13.65 26.18
N VAL B 29 10.25 -14.09 24.94
CA VAL B 29 9.16 -14.66 24.18
C VAL B 29 9.34 -16.17 24.03
N ASP B 30 10.14 -16.78 24.90
CA ASP B 30 10.37 -18.22 24.89
C ASP B 30 9.39 -18.92 25.83
N ASN B 31 8.95 -20.10 25.41
CA ASN B 31 8.20 -21.01 26.29
C ASN B 31 8.23 -22.39 25.67
N TYR B 32 8.22 -23.42 26.52
CA TYR B 32 8.20 -24.81 26.08
C TYR B 32 9.35 -25.12 25.12
N GLY B 33 10.47 -24.44 25.29
CA GLY B 33 11.66 -24.73 24.51
C GLY B 33 11.72 -24.09 23.15
N ILE B 34 10.79 -23.20 22.82
CA ILE B 34 10.86 -22.53 21.53
C ILE B 34 10.59 -21.05 21.72
N SER B 35 10.97 -20.26 20.71
CA SER B 35 10.78 -18.82 20.72
C SER B 35 9.59 -18.49 19.83
N PHE B 36 8.60 -17.81 20.40
CA PHE B 36 7.38 -17.43 19.67
C PHE B 36 7.57 -16.07 19.00
N MET B 37 8.49 -16.07 18.03
CA MET B 37 8.88 -14.88 17.28
C MET B 37 8.63 -15.14 15.79
N ASN B 38 7.87 -14.25 15.15
CA ASN B 38 7.49 -14.42 13.76
C ASN B 38 7.92 -13.19 12.97
N TRP B 39 8.21 -13.38 11.68
CA TRP B 39 8.55 -12.27 10.81
C TRP B 39 7.65 -12.27 9.60
N PHE B 40 7.26 -11.07 9.16
CA PHE B 40 6.39 -10.86 8.01
C PHE B 40 7.02 -9.90 7.02
N GLN B 41 6.73 -10.12 5.74
CA GLN B 41 7.10 -9.22 4.65
C GLN B 41 5.81 -8.60 4.12
N GLN B 42 5.83 -7.30 3.84
CA GLN B 42 4.65 -6.67 3.26
C GLN B 42 5.05 -5.79 2.10
N LYS B 43 4.53 -6.11 0.93
CA LYS B 43 4.67 -5.34 -0.30
C LYS B 43 3.54 -4.32 -0.41
N PRO B 44 3.75 -3.23 -1.15
CA PRO B 44 2.68 -2.23 -1.30
C PRO B 44 1.39 -2.84 -1.83
N GLY B 45 0.28 -2.45 -1.20
CA GLY B 45 -1.03 -2.90 -1.64
C GLY B 45 -1.34 -4.34 -1.35
N GLN B 46 -0.62 -4.96 -0.42
CA GLN B 46 -0.82 -6.37 -0.13
C GLN B 46 -0.89 -6.58 1.36
N PRO B 47 -1.58 -7.62 1.82
CA PRO B 47 -1.47 -8.03 3.21
C PRO B 47 -0.08 -8.58 3.48
N PRO B 48 0.34 -8.62 4.75
CA PRO B 48 1.62 -9.23 5.08
C PRO B 48 1.66 -10.70 4.72
N LYS B 49 2.86 -11.19 4.45
CA LYS B 49 3.15 -12.59 4.17
C LYS B 49 4.05 -13.13 5.27
N LEU B 50 3.71 -14.30 5.81
CA LEU B 50 4.58 -14.94 6.80
C LEU B 50 5.91 -15.36 6.18
N LEU B 51 7.01 -14.91 6.79
CA LEU B 51 8.36 -15.35 6.39
C LEU B 51 8.91 -16.42 7.30
N ILE B 52 8.82 -16.17 8.60
CA ILE B 52 9.53 -16.95 9.62
C ILE B 52 8.57 -17.17 10.78
N TYR B 53 8.53 -18.38 11.31
CA TYR B 53 7.82 -18.66 12.54
C TYR B 53 8.75 -19.40 13.48
N ALA B 54 8.46 -19.30 14.78
CA ALA B 54 9.27 -19.95 15.81
C ALA B 54 10.75 -19.55 15.68
N ALA B 55 10.99 -18.27 15.41
CA ALA B 55 12.29 -17.62 15.33
C ALA B 55 13.11 -17.98 14.10
N SER B 56 13.10 -19.25 13.68
CA SER B 56 14.04 -19.69 12.65
C SER B 56 13.46 -20.62 11.59
N ASN B 57 12.17 -20.95 11.65
CA ASN B 57 11.58 -21.87 10.69
C ASN B 57 10.97 -21.08 9.53
N GLN B 58 11.22 -21.55 8.31
CA GLN B 58 10.83 -20.79 7.13
C GLN B 58 9.42 -21.19 6.66
N GLY B 59 8.63 -20.19 6.31
CA GLY B 59 7.29 -20.45 5.85
C GLY B 59 7.25 -20.99 4.44
N SER B 60 6.05 -21.38 4.03
CA SER B 60 5.87 -21.83 2.65
C SER B 60 6.17 -20.68 1.70
N GLY B 61 6.88 -20.99 0.61
CA GLY B 61 7.18 -19.99 -0.40
C GLY B 61 8.24 -18.98 0.00
N VAL B 62 9.03 -19.27 1.02
CA VAL B 62 10.01 -18.32 1.53
C VAL B 62 11.40 -18.77 1.10
N PRO B 63 12.08 -18.00 0.27
CA PRO B 63 13.42 -18.37 -0.20
C PRO B 63 14.44 -18.53 0.93
N ALA B 64 15.43 -19.39 0.67
CA ALA B 64 16.49 -19.67 1.62
C ALA B 64 17.23 -18.42 2.06
N ARG B 65 17.27 -17.37 1.24
CA ARG B 65 18.03 -16.18 1.60
C ARG B 65 17.42 -15.42 2.78
N PHE B 66 16.20 -15.74 3.17
CA PHE B 66 15.59 -15.17 4.39
C PHE B 66 15.89 -16.12 5.54
N SER B 67 16.62 -15.65 6.55
CA SER B 67 16.94 -16.50 7.69
C SER B 67 16.62 -15.76 8.97
N GLY B 68 15.91 -16.43 9.87
CA GLY B 68 15.63 -15.90 11.18
C GLY B 68 16.50 -16.57 12.23
N SER B 69 16.83 -15.82 13.27
CA SER B 69 17.69 -16.31 14.33
C SER B 69 17.35 -15.61 15.64
N GLY B 70 17.86 -16.17 16.74
CA GLY B 70 17.75 -15.55 18.04
C GLY B 70 16.95 -16.38 19.02
N SER B 71 16.88 -15.86 20.24
CA SER B 71 16.17 -16.50 21.34
C SER B 71 15.98 -15.47 22.43
N GLY B 72 15.07 -15.79 23.36
CA GLY B 72 14.86 -14.98 24.53
C GLY B 72 14.27 -13.63 24.22
N THR B 73 15.10 -12.59 24.21
CA THR B 73 14.66 -11.24 23.93
C THR B 73 15.31 -10.64 22.69
N ASP B 74 16.18 -11.36 21.99
CA ASP B 74 16.96 -10.77 20.91
C ASP B 74 16.84 -11.63 19.66
N PHE B 75 16.33 -11.04 18.56
CA PHE B 75 16.05 -11.78 17.34
C PHE B 75 16.51 -10.98 16.14
N SER B 76 16.80 -11.70 15.06
CA SER B 76 17.26 -11.05 13.83
C SER B 76 16.66 -11.75 12.62
N LEU B 77 16.39 -10.94 11.58
CA LEU B 77 16.07 -11.42 10.25
C LEU B 77 17.21 -10.99 9.34
N ASN B 78 17.83 -11.94 8.67
CA ASN B 78 18.90 -11.66 7.72
C ASN B 78 18.43 -12.02 6.32
N ILE B 79 18.69 -11.13 5.38
CA ILE B 79 18.36 -11.37 3.98
C ILE B 79 19.68 -11.26 3.21
N HIS B 80 20.13 -12.39 2.68
CA HIS B 80 21.39 -12.39 1.95
C HIS B 80 21.46 -13.59 1.02
N PRO B 81 21.81 -13.41 -0.26
CA PRO B 81 22.06 -12.10 -0.89
C PRO B 81 20.78 -11.37 -1.25
N MET B 82 20.75 -10.06 -0.96
CA MET B 82 19.62 -9.20 -1.27
C MET B 82 19.30 -9.24 -2.75
N GLU B 83 18.00 -9.30 -3.07
CA GLU B 83 17.54 -9.27 -4.45
C GLU B 83 16.54 -8.13 -4.64
N GLU B 84 16.29 -7.79 -5.91
CA GLU B 84 15.45 -6.63 -6.21
C GLU B 84 14.04 -6.75 -5.61
N ASP B 85 13.47 -7.95 -5.62
CA ASP B 85 12.11 -8.14 -5.13
C ASP B 85 12.01 -8.05 -3.62
N ASP B 86 13.13 -7.91 -2.91
CA ASP B 86 13.11 -7.87 -1.45
C ASP B 86 12.82 -6.47 -0.92
N THR B 87 12.66 -5.47 -1.77
CA THR B 87 12.25 -4.15 -1.30
C THR B 87 10.82 -4.26 -0.76
N ALA B 88 10.64 -3.89 0.51
CA ALA B 88 9.39 -4.19 1.21
C ALA B 88 9.46 -3.63 2.62
N MET B 89 8.32 -3.67 3.32
CA MET B 89 8.25 -3.49 4.76
C MET B 89 8.38 -4.85 5.44
N TYR B 90 9.06 -4.86 6.59
CA TYR B 90 9.25 -6.08 7.35
C TYR B 90 8.81 -5.82 8.79
N PHE B 91 8.12 -6.80 9.38
CA PHE B 91 7.61 -6.68 10.75
C PHE B 91 7.92 -7.95 11.54
N CYS B 92 8.33 -7.77 12.79
CA CYS B 92 8.34 -8.89 13.71
C CYS B 92 7.05 -8.91 14.52
N GLN B 93 6.76 -10.08 15.08
CA GLN B 93 5.53 -10.27 15.85
C GLN B 93 5.81 -11.33 16.90
N GLN B 94 5.40 -11.10 18.14
CA GLN B 94 5.48 -12.16 19.14
C GLN B 94 4.10 -12.77 19.37
N SER B 95 4.08 -14.09 19.54
CA SER B 95 2.86 -14.84 19.78
C SER B 95 3.00 -15.72 21.01
N LYS B 96 3.85 -15.31 21.96
CA LYS B 96 4.03 -16.11 23.16
C LYS B 96 2.80 -16.05 24.06
N GLU B 97 2.17 -14.88 24.15
CA GLU B 97 1.02 -14.71 25.02
C GLU B 97 0.26 -13.46 24.60
N VAL B 98 -1.00 -13.38 25.02
CA VAL B 98 -1.86 -12.24 24.69
C VAL B 98 -1.45 -11.05 25.55
N PRO B 99 -1.53 -9.82 25.03
CA PRO B 99 -1.88 -9.55 23.62
C PRO B 99 -0.72 -9.81 22.69
N TYR B 100 -1.01 -10.34 21.50
CA TYR B 100 0.04 -10.45 20.50
C TYR B 100 0.42 -9.04 20.06
N THR B 101 1.70 -8.86 19.75
CA THR B 101 2.22 -7.53 19.45
C THR B 101 3.19 -7.59 18.27
N PHE B 102 3.30 -6.46 17.60
CA PHE B 102 4.16 -6.27 16.44
C PHE B 102 5.25 -5.25 16.74
N GLY B 103 6.43 -5.47 16.15
CA GLY B 103 7.41 -4.41 16.05
C GLY B 103 6.94 -3.30 15.11
N GLY B 104 7.64 -2.16 15.18
CA GLY B 104 7.22 -0.96 14.47
C GLY B 104 7.46 -0.99 12.98
N GLY B 105 8.21 -1.97 12.50
CA GLY B 105 8.45 -2.14 11.09
C GLY B 105 9.80 -1.58 10.65
N THR B 106 10.28 -2.13 9.54
CA THR B 106 11.49 -1.69 8.87
C THR B 106 11.18 -1.56 7.40
N LYS B 107 11.48 -0.39 6.83
CA LYS B 107 11.39 -0.19 5.38
C LYS B 107 12.73 -0.53 4.77
N LEU B 108 12.80 -1.62 4.02
CA LEU B 108 14.03 -2.07 3.38
C LEU B 108 13.93 -1.82 1.88
N GLU B 109 14.88 -1.07 1.33
CA GLU B 109 14.90 -0.76 -0.09
C GLU B 109 16.24 -1.18 -0.68
N ILE B 110 16.29 -1.15 -2.02
CA ILE B 110 17.52 -1.45 -2.77
C ILE B 110 18.31 -0.17 -2.98
N LYS B 111 19.60 -0.23 -2.68
CA LYS B 111 20.56 0.79 -3.07
C LYS B 111 21.13 0.39 -4.43
N ARG B 112 21.03 1.30 -5.41
CA ARG B 112 21.47 1.00 -6.77
C ARG B 112 22.11 2.24 -7.39
N ALA B 113 22.57 2.11 -8.63
CA ALA B 113 23.25 3.20 -9.32
C ALA B 113 22.26 4.29 -9.72
N ASP B 114 22.77 5.51 -9.82
CA ASP B 114 21.96 6.63 -10.28
C ASP B 114 21.38 6.36 -11.67
N ALA B 115 20.13 6.82 -11.89
CA ALA B 115 19.47 6.68 -13.18
C ALA B 115 18.64 7.93 -13.45
N ALA B 116 18.79 8.51 -14.65
CA ALA B 116 18.07 9.72 -15.00
C ALA B 116 16.59 9.42 -15.29
N PRO B 117 15.71 10.37 -14.99
CA PRO B 117 14.29 10.19 -15.31
C PRO B 117 14.01 10.33 -16.80
N THR B 118 12.93 9.68 -17.22
CA THR B 118 12.32 9.92 -18.52
C THR B 118 11.09 10.78 -18.28
N VAL B 119 11.03 11.94 -18.90
CA VAL B 119 10.05 12.97 -18.54
C VAL B 119 9.05 13.13 -19.67
N SER B 120 7.76 13.14 -19.34
CA SER B 120 6.73 13.40 -20.34
C SER B 120 5.71 14.38 -19.78
N ILE B 121 5.16 15.22 -20.66
CA ILE B 121 4.22 16.27 -20.26
C ILE B 121 2.90 16.07 -21.01
N PHE B 122 1.79 16.37 -20.31
CA PHE B 122 0.46 16.18 -20.89
C PHE B 122 -0.43 17.39 -20.69
N PRO B 123 -0.93 17.99 -21.76
CA PRO B 123 -1.86 19.12 -21.63
C PRO B 123 -3.19 18.68 -21.04
N PRO B 124 -3.99 19.62 -20.55
CA PRO B 124 -5.35 19.29 -20.11
C PRO B 124 -6.14 18.62 -21.23
N SER B 125 -6.93 17.63 -20.85
CA SER B 125 -7.79 16.94 -21.80
C SER B 125 -8.97 17.82 -22.18
N SER B 126 -9.50 17.57 -23.38
CA SER B 126 -10.71 18.27 -23.81
C SER B 126 -11.87 18.01 -22.86
N GLU B 127 -11.93 16.81 -22.29
CA GLU B 127 -12.98 16.49 -21.32
C GLU B 127 -12.88 17.38 -20.08
N GLN B 128 -11.67 17.60 -19.56
CA GLN B 128 -11.56 18.38 -18.34
C GLN B 128 -11.85 19.85 -18.58
N LEU B 129 -11.42 20.38 -19.73
CA LEU B 129 -11.62 21.78 -20.03
C LEU B 129 -13.10 22.14 -20.08
N THR B 130 -13.95 21.19 -20.45
CA THR B 130 -15.39 21.43 -20.44
C THR B 130 -15.89 21.72 -19.03
N SER B 131 -15.27 21.13 -18.00
CA SER B 131 -15.71 21.31 -16.62
C SER B 131 -15.13 22.56 -15.96
N GLY B 132 -14.38 23.38 -16.70
CA GLY B 132 -13.81 24.57 -16.10
C GLY B 132 -12.54 24.37 -15.31
N GLY B 133 -11.97 23.16 -15.36
CA GLY B 133 -10.68 22.92 -14.74
C GLY B 133 -9.61 22.65 -15.78
N ALA B 134 -8.35 22.79 -15.38
CA ALA B 134 -7.24 22.56 -16.29
C ALA B 134 -6.07 22.00 -15.49
N SER B 135 -5.77 20.72 -15.68
CA SER B 135 -4.63 20.09 -15.03
C SER B 135 -3.57 19.76 -16.06
N VAL B 136 -2.34 20.14 -15.77
CA VAL B 136 -1.18 19.82 -16.60
C VAL B 136 -0.36 18.78 -15.84
N VAL B 137 -0.03 17.67 -16.50
CA VAL B 137 0.60 16.53 -15.83
C VAL B 137 1.98 16.29 -16.40
N CYS B 138 2.94 16.06 -15.49
CA CYS B 138 4.31 15.73 -15.86
C CYS B 138 4.64 14.41 -15.18
N PHE B 139 5.00 13.40 -15.97
CA PHE B 139 5.50 12.13 -15.42
C PHE B 139 7.03 12.14 -15.46
N LEU B 140 7.67 11.74 -14.36
CA LEU B 140 9.11 11.54 -14.30
C LEU B 140 9.33 10.06 -13.97
N ASN B 141 9.73 9.26 -14.95
CA ASN B 141 9.66 7.82 -14.81
C ASN B 141 11.03 7.18 -14.69
N ASN B 142 11.12 6.20 -13.80
CA ASN B 142 12.23 5.23 -13.72
C ASN B 142 13.57 5.91 -13.46
N PHE B 143 13.64 6.63 -12.33
CA PHE B 143 14.88 7.31 -11.95
C PHE B 143 15.38 6.82 -10.59
N TYR B 144 16.64 7.16 -10.28
CA TYR B 144 17.23 6.82 -8.99
C TYR B 144 18.37 7.78 -8.71
N PRO B 145 18.51 8.32 -7.48
CA PRO B 145 17.68 8.08 -6.29
C PRO B 145 16.36 8.81 -6.30
N LYS B 146 15.62 8.64 -5.21
CA LYS B 146 14.23 9.12 -5.15
C LYS B 146 14.15 10.64 -5.17
N ASP B 147 15.17 11.32 -4.65
CA ASP B 147 15.16 12.78 -4.55
C ASP B 147 15.18 13.41 -5.95
N ILE B 148 14.24 14.29 -6.22
CA ILE B 148 14.13 14.93 -7.53
C ILE B 148 13.30 16.19 -7.35
N ASN B 149 13.52 17.17 -8.23
CA ASN B 149 12.82 18.44 -8.15
C ASN B 149 12.10 18.71 -9.46
N VAL B 150 10.87 19.21 -9.37
CA VAL B 150 10.11 19.65 -10.52
C VAL B 150 9.81 21.13 -10.33
N LYS B 151 10.11 21.93 -11.34
CA LYS B 151 9.74 23.33 -11.35
C LYS B 151 8.79 23.56 -12.52
N TRP B 152 7.65 24.17 -12.23
CA TRP B 152 6.69 24.51 -13.28
C TRP B 152 6.84 25.97 -13.67
N LYS B 153 6.67 26.25 -14.95
CA LYS B 153 6.72 27.60 -15.48
C LYS B 153 5.54 27.84 -16.40
N ILE B 154 4.92 29.01 -16.27
CA ILE B 154 3.84 29.45 -17.14
C ILE B 154 4.34 30.71 -17.84
N ASP B 155 4.39 30.67 -19.17
CA ASP B 155 4.97 31.76 -19.95
C ASP B 155 6.33 32.17 -19.40
N GLY B 156 7.14 31.16 -19.04
CA GLY B 156 8.52 31.39 -18.66
C GLY B 156 8.73 31.76 -17.21
N SER B 157 7.67 31.94 -16.43
CA SER B 157 7.78 32.37 -15.05
C SER B 157 7.42 31.22 -14.12
N GLU B 158 8.26 31.00 -13.12
CA GLU B 158 8.05 29.91 -12.18
C GLU B 158 6.68 30.01 -11.50
N ARG B 159 6.03 28.86 -11.37
CA ARG B 159 4.72 28.74 -10.72
C ARG B 159 4.84 27.71 -9.60
N GLN B 160 4.89 28.20 -8.36
CA GLN B 160 5.02 27.35 -7.18
C GLN B 160 3.71 27.34 -6.39
N ASN B 161 2.61 26.97 -7.06
CA ASN B 161 1.30 27.07 -6.44
C ASN B 161 0.29 26.31 -7.28
N GLY B 162 -0.48 25.44 -6.63
CA GLY B 162 -1.36 24.53 -7.35
C GLY B 162 -0.69 23.27 -7.85
N VAL B 163 0.49 22.93 -7.32
CA VAL B 163 1.28 21.79 -7.75
C VAL B 163 1.21 20.70 -6.69
N LEU B 164 0.85 19.48 -7.11
CA LEU B 164 0.85 18.31 -6.23
C LEU B 164 1.77 17.24 -6.81
N ASN B 165 2.60 16.64 -5.94
CA ASN B 165 3.59 15.66 -6.36
C ASN B 165 3.33 14.33 -5.67
N SER B 166 3.62 13.23 -6.38
CA SER B 166 3.43 11.91 -5.80
C SER B 166 4.46 10.95 -6.34
N TRP B 167 5.11 10.19 -5.45
CA TRP B 167 6.10 9.19 -5.82
C TRP B 167 5.53 7.79 -5.71
N THR B 168 5.94 6.92 -6.63
CA THR B 168 5.68 5.49 -6.45
C THR B 168 6.63 4.88 -5.43
N ASP B 169 6.22 3.73 -4.90
CA ASP B 169 7.15 2.88 -4.17
C ASP B 169 8.21 2.36 -5.12
N GLN B 170 9.34 1.94 -4.55
CA GLN B 170 10.43 1.43 -5.36
C GLN B 170 9.99 0.25 -6.23
N ASP B 171 10.35 0.28 -7.50
CA ASP B 171 9.99 -0.81 -8.39
C ASP B 171 10.67 -2.12 -7.99
N SER B 172 9.89 -3.21 -7.98
CA SER B 172 10.42 -4.50 -7.54
C SER B 172 11.34 -5.19 -8.54
N LYS B 173 11.43 -4.68 -9.78
CA LYS B 173 12.28 -5.28 -10.80
C LYS B 173 13.54 -4.48 -11.12
N ASP B 174 13.43 -3.15 -11.28
CA ASP B 174 14.59 -2.35 -11.61
C ASP B 174 15.00 -1.38 -10.49
N SER B 175 14.30 -1.41 -9.35
CA SER B 175 14.66 -0.64 -8.16
C SER B 175 14.63 0.87 -8.38
N THR B 176 13.91 1.34 -9.40
CA THR B 176 13.80 2.78 -9.63
C THR B 176 12.54 3.33 -8.96
N TYR B 177 12.41 4.65 -8.99
CA TYR B 177 11.21 5.35 -8.57
C TYR B 177 10.63 6.08 -9.77
N SER B 178 9.37 6.48 -9.64
CA SER B 178 8.73 7.38 -10.58
C SER B 178 7.96 8.41 -9.78
N MET B 179 7.67 9.55 -10.41
CA MET B 179 6.90 10.57 -9.71
C MET B 179 6.01 11.27 -10.72
N SER B 180 4.84 11.68 -10.26
CA SER B 180 3.95 12.51 -11.05
C SER B 180 3.92 13.90 -10.43
N SER B 181 3.85 14.92 -11.28
CA SER B 181 3.66 16.28 -10.82
C SER B 181 2.49 16.86 -11.59
N THR B 182 1.51 17.40 -10.88
CA THR B 182 0.28 17.87 -11.51
C THR B 182 0.05 19.32 -11.11
N LEU B 183 -0.03 20.19 -12.11
CA LEU B 183 -0.32 21.61 -11.93
C LEU B 183 -1.78 21.83 -12.29
N THR B 184 -2.58 22.35 -11.35
CA THR B 184 -3.98 22.58 -11.65
C THR B 184 -4.30 24.07 -11.53
N LEU B 185 -4.97 24.60 -12.55
CA LEU B 185 -5.38 25.99 -12.64
C LEU B 185 -6.85 26.05 -13.01
N THR B 186 -7.46 27.21 -12.80
CA THR B 186 -8.78 27.38 -13.41
C THR B 186 -8.64 27.39 -14.93
N LYS B 187 -9.69 26.95 -15.61
CA LYS B 187 -9.73 27.06 -17.06
C LYS B 187 -9.48 28.49 -17.50
N ASP B 188 -10.07 29.47 -16.80
CA ASP B 188 -9.89 30.85 -17.24
C ASP B 188 -8.42 31.26 -17.17
N GLU B 189 -7.70 30.85 -16.13
CA GLU B 189 -6.29 31.21 -16.04
C GLU B 189 -5.47 30.43 -17.06
N TYR B 190 -5.82 29.16 -17.28
CA TYR B 190 -5.13 28.35 -18.28
C TYR B 190 -5.21 29.01 -19.65
N GLU B 191 -6.41 29.47 -20.03
CA GLU B 191 -6.60 30.08 -21.34
C GLU B 191 -5.99 31.47 -21.44
N ARG B 192 -5.53 32.02 -20.33
CA ARG B 192 -4.86 33.32 -20.32
C ARG B 192 -3.39 33.25 -20.71
N HIS B 193 -2.78 32.06 -20.69
CA HIS B 193 -1.36 31.93 -20.91
C HIS B 193 -1.10 30.97 -22.06
N ASN B 194 0.16 30.91 -22.51
CA ASN B 194 0.53 30.17 -23.71
C ASN B 194 1.40 28.95 -23.42
N SER B 195 2.57 29.14 -22.81
CA SER B 195 3.55 28.08 -22.66
C SER B 195 3.49 27.46 -21.26
N TYR B 196 3.45 26.14 -21.21
CA TYR B 196 3.43 25.40 -19.96
C TYR B 196 4.63 24.45 -19.96
N THR B 197 5.43 24.51 -18.90
CA THR B 197 6.74 23.88 -18.89
C THR B 197 6.98 23.21 -17.55
N CYS B 198 7.47 21.97 -17.60
CA CYS B 198 7.89 21.19 -16.44
C CYS B 198 9.40 20.98 -16.56
N GLU B 199 10.16 21.41 -15.54
CA GLU B 199 11.61 21.26 -15.52
C GLU B 199 11.99 20.24 -14.44
N ALA B 200 12.69 19.18 -14.82
CA ALA B 200 13.08 18.12 -13.88
C ALA B 200 14.57 18.23 -13.57
N THR B 201 14.90 18.51 -12.32
CA THR B 201 16.29 18.59 -11.88
C THR B 201 16.61 17.38 -11.01
N HIS B 202 17.66 16.65 -11.41
CA HIS B 202 18.03 15.41 -10.75
C HIS B 202 19.56 15.35 -10.77
N LYS B 203 20.13 14.69 -9.75
CA LYS B 203 21.59 14.70 -9.61
C LYS B 203 22.32 14.10 -10.82
N THR B 204 21.59 13.41 -11.72
CA THR B 204 22.18 12.76 -12.87
C THR B 204 22.48 13.69 -14.03
N SER B 205 22.09 14.96 -13.98
CA SER B 205 22.39 15.85 -15.10
C SER B 205 22.76 17.24 -14.61
N THR B 206 23.62 17.90 -15.39
CA THR B 206 24.00 19.28 -15.09
C THR B 206 22.82 20.22 -15.26
N SER B 207 22.06 20.03 -16.31
CA SER B 207 20.95 20.88 -16.66
C SER B 207 19.63 20.14 -16.51
N PRO B 208 18.52 20.84 -16.30
CA PRO B 208 17.24 20.14 -16.15
C PRO B 208 16.82 19.49 -17.46
N ILE B 209 16.08 18.41 -17.34
CA ILE B 209 15.29 17.90 -18.45
C ILE B 209 14.00 18.72 -18.50
N VAL B 210 13.72 19.33 -19.64
CA VAL B 210 12.61 20.25 -19.79
C VAL B 210 11.63 19.70 -20.82
N LYS B 211 10.35 19.67 -20.46
CA LYS B 211 9.27 19.34 -21.38
C LYS B 211 8.30 20.50 -21.38
N SER B 212 7.77 20.82 -22.57
CA SER B 212 7.00 22.05 -22.70
C SER B 212 6.01 21.90 -23.85
N PHE B 213 4.93 22.69 -23.78
CA PHE B 213 4.00 22.77 -24.89
C PHE B 213 3.32 24.13 -24.85
N ASN B 214 2.70 24.49 -25.97
CA ASN B 214 1.85 25.68 -26.03
C ASN B 214 0.39 25.26 -26.04
N ARG B 215 -0.43 26.03 -25.34
CA ARG B 215 -1.88 25.83 -25.38
C ARG B 215 -2.39 26.10 -26.81
N GLN C 2 3.45 -31.61 20.90
CA GLN C 2 2.70 -30.73 20.01
C GLN C 2 2.09 -29.55 20.79
N LEU C 3 2.50 -28.34 20.44
CA LEU C 3 1.90 -27.14 21.01
C LEU C 3 0.47 -26.98 20.48
N ILE C 4 -0.45 -26.58 21.37
CA ILE C 4 -1.81 -26.25 20.95
C ILE C 4 -2.25 -24.96 21.64
N ASN C 5 -3.04 -24.16 20.92
CA ASN C 5 -3.59 -22.89 21.40
C ASN C 5 -5.03 -22.81 20.91
N THR C 6 -5.96 -23.26 21.77
CA THR C 6 -7.39 -23.23 21.46
C THR C 6 -8.10 -22.03 22.07
N ASN C 7 -7.45 -21.35 23.01
CA ASN C 7 -8.15 -20.35 23.82
C ASN C 7 -7.28 -19.15 24.17
N GLY C 8 -6.19 -18.91 23.44
CA GLY C 8 -5.31 -17.80 23.73
C GLY C 8 -4.05 -18.14 24.48
N SER C 9 -3.95 -19.33 25.08
CA SER C 9 -2.78 -19.74 25.84
C SER C 9 -2.17 -20.99 25.24
N TRP C 10 -0.85 -21.00 25.09
CA TRP C 10 -0.15 -22.18 24.60
C TRP C 10 0.01 -23.20 25.72
N HIS C 11 -0.16 -24.49 25.39
CA HIS C 11 0.20 -25.57 26.28
C HIS C 11 0.57 -26.78 25.43
N ILE C 12 1.17 -27.79 26.07
CA ILE C 12 1.63 -28.95 25.31
C ILE C 12 0.65 -30.12 25.43
#